data_4A31
#
_entry.id   4A31
#
_cell.length_a   47.009
_cell.length_b   90.382
_cell.length_c   52.889
_cell.angle_alpha   90.00
_cell.angle_beta   111.88
_cell.angle_gamma   90.00
#
_symmetry.space_group_name_H-M   'P 1 21 1'
#
loop_
_entity.id
_entity.type
_entity.pdbx_description
1 polymer 'GLYCYLPEPTIDE N-TETRADECANOYLTRANSFERASE'
2 non-polymer GLYCEROL
3 non-polymer 6-{[2-(4-METHYLPIPERAZIN-1-YL)ETHYL]AMINO}-N-(1,3,5-TRIMETHYL-1H-PYRAZOL-4-YL)PYRIDINE-3-SULFONAMIDE
4 non-polymer TETRADECANOYL-COA
5 water water
#
_entity_poly.entity_id   1
_entity_poly.type   'polypeptide(L)'
_entity_poly.pdbx_seq_one_letter_code
;MGSSHHHHHHSSGRENLYFQGPSNSDAAHAFWSTQPVPQTEDETEKIVFAGPMDEPKTVADIPEEPYPIASTFEWWTPNM
EAADDIHAIYELLRDNYVEDDDSMFRFNYSEEFLQWALCPPNYIPDWHVAVRRKADKKLLAFIAGVPVTLRMGTPKYMKV
KAQEKGEGEEAAKYDEPRHICEINFLCVHKQLREKRLAPILIKEATRRVNRTNVWQAVYTAGVLLPTPYASGQYFHRSLN
PEKLVEIRFSGIPAQYQKFQNPMAMLKRNYQLPSAPKNSGLREMKPSDVPQVRRILMNYLDSFDVGPVFSDAEISHYLLP
RDGVVFTYVVENDKKVTDFFSFYRIPSTVIGNSNYNLLNAAYVHYYAATSIPLHQLILDLLIVAHSRGFDVCNMVEILDN
RSFVEQLKFGAGDGHLRYYFYNWAYPKIKPSQVALVML
;
_entity_poly.pdbx_strand_id   A
#
# COMPACT_ATOMS: atom_id res chain seq x y z
N ALA A 28 -20.45 -11.86 13.19
CA ALA A 28 -21.10 -10.65 13.79
C ALA A 28 -20.18 -9.44 13.65
N HIS A 29 -20.65 -8.45 12.91
CA HIS A 29 -19.91 -7.20 12.77
C HIS A 29 -20.91 -6.07 13.00
N ALA A 30 -20.99 -5.55 14.24
CA ALA A 30 -21.96 -4.48 14.59
C ALA A 30 -21.77 -3.22 13.71
N PHE A 31 -20.54 -2.99 13.26
CA PHE A 31 -20.33 -1.86 12.37
C PHE A 31 -20.40 -2.27 10.90
N TRP A 32 -19.56 -3.21 10.47
CA TRP A 32 -19.48 -3.52 9.02
C TRP A 32 -20.78 -4.03 8.39
N SER A 33 -21.66 -4.60 9.21
CA SER A 33 -22.98 -5.04 8.71
C SER A 33 -23.88 -3.87 8.30
N THR A 34 -23.54 -2.67 8.76
CA THR A 34 -24.31 -1.48 8.44
C THR A 34 -23.79 -0.78 7.18
N GLN A 35 -22.75 -1.32 6.55
CA GLN A 35 -22.01 -0.57 5.51
C GLN A 35 -22.25 -1.09 4.11
N PRO A 36 -22.07 -0.25 3.07
CA PRO A 36 -22.25 -0.73 1.69
C PRO A 36 -21.04 -1.51 1.16
N VAL A 37 -20.79 -2.67 1.80
CA VAL A 37 -19.80 -3.65 1.38
C VAL A 37 -20.45 -5.06 1.26
N PRO A 38 -19.94 -5.93 0.34
CA PRO A 38 -20.46 -7.29 0.37
C PRO A 38 -20.21 -7.91 1.74
N GLN A 39 -21.16 -8.71 2.22
CA GLN A 39 -21.18 -9.13 3.63
C GLN A 39 -20.53 -10.49 3.91
N THR A 40 -20.41 -11.35 2.89
CA THR A 40 -19.80 -12.68 3.05
C THR A 40 -19.00 -13.02 1.79
N GLU A 41 -18.13 -14.02 1.87
CA GLU A 41 -17.42 -14.55 0.69
C GLU A 41 -18.37 -15.02 -0.40
N ASP A 42 -19.45 -15.66 0.02
CA ASP A 42 -20.45 -16.25 -0.88
C ASP A 42 -21.13 -15.20 -1.71
N GLU A 43 -21.43 -14.06 -1.08
CA GLU A 43 -21.96 -12.91 -1.78
C GLU A 43 -20.94 -12.45 -2.84
N THR A 44 -19.66 -12.40 -2.46
CA THR A 44 -18.58 -11.90 -3.33
C THR A 44 -18.29 -12.81 -4.54
N GLU A 45 -18.31 -14.13 -4.32
CA GLU A 45 -18.15 -15.09 -5.42
C GLU A 45 -19.38 -15.15 -6.34
N LYS A 46 -20.49 -14.56 -5.90
CA LYS A 46 -21.71 -14.48 -6.69
C LYS A 46 -21.74 -13.25 -7.65
N ILE A 47 -20.95 -12.22 -7.36
CA ILE A 47 -20.90 -10.98 -8.16
C ILE A 47 -20.26 -11.15 -9.55
N VAL A 48 -20.90 -10.60 -10.58
CA VAL A 48 -20.33 -10.69 -11.92
C VAL A 48 -19.84 -9.34 -12.50
N PHE A 49 -20.56 -8.25 -12.26
CA PHE A 49 -20.15 -6.98 -12.82
C PHE A 49 -19.70 -6.00 -11.73
N ALA A 50 -18.83 -5.05 -12.09
CA ALA A 50 -18.49 -3.92 -11.25
C ALA A 50 -19.63 -2.92 -11.21
N GLY A 51 -19.83 -2.30 -10.05
CA GLY A 51 -20.84 -1.26 -9.90
C GLY A 51 -21.04 -0.86 -8.43
N PRO A 52 -21.78 0.26 -8.17
CA PRO A 52 -21.99 0.69 -6.78
C PRO A 52 -22.90 -0.26 -6.02
N MET A 53 -22.81 -0.26 -4.70
CA MET A 53 -23.72 -1.08 -3.89
C MET A 53 -24.90 -0.19 -3.53
N ASP A 54 -24.61 1.03 -3.11
CA ASP A 54 -25.66 1.93 -2.66
C ASP A 54 -26.43 2.59 -3.81
N GLU A 55 -27.65 3.02 -3.47
CA GLU A 55 -28.44 4.00 -4.20
C GLU A 55 -27.60 5.24 -4.50
N PRO A 56 -27.83 5.86 -5.68
CA PRO A 56 -27.13 7.15 -5.87
C PRO A 56 -27.59 8.13 -4.80
N LYS A 57 -26.63 8.83 -4.21
CA LYS A 57 -26.91 9.88 -3.26
C LYS A 57 -26.30 11.15 -3.82
N THR A 58 -26.59 12.27 -3.18
CA THR A 58 -26.16 13.60 -3.65
C THR A 58 -25.30 14.26 -2.58
N VAL A 59 -24.42 15.17 -2.96
CA VAL A 59 -23.69 15.98 -2.00
C VAL A 59 -24.68 16.62 -0.98
N ALA A 60 -25.78 17.16 -1.48
CA ALA A 60 -26.83 17.80 -0.64
C ALA A 60 -27.40 16.89 0.42
N ASP A 61 -27.52 15.59 0.12
CA ASP A 61 -28.01 14.60 1.07
C ASP A 61 -27.13 14.38 2.29
N ILE A 62 -25.86 14.72 2.18
CA ILE A 62 -24.87 14.42 3.22
C ILE A 62 -24.82 15.48 4.30
N PRO A 63 -24.83 15.06 5.58
CA PRO A 63 -24.76 16.04 6.67
C PRO A 63 -23.61 17.02 6.50
N GLU A 64 -23.89 18.30 6.69
CA GLU A 64 -22.84 19.33 6.68
C GLU A 64 -22.01 19.34 7.96
N GLU A 65 -22.59 18.88 9.07
CA GLU A 65 -21.93 18.90 10.37
C GLU A 65 -21.15 17.62 10.65
N PRO A 66 -19.94 17.75 11.22
CA PRO A 66 -19.15 16.56 11.58
C PRO A 66 -19.93 15.55 12.42
N TYR A 67 -19.57 14.28 12.26
CA TYR A 67 -20.25 13.21 12.98
C TYR A 67 -20.14 13.43 14.50
N PRO A 68 -21.22 13.13 15.25
CA PRO A 68 -21.16 13.41 16.68
C PRO A 68 -20.04 12.62 17.37
N ILE A 69 -19.42 13.22 18.38
CA ILE A 69 -18.33 12.60 19.10
C ILE A 69 -18.44 13.14 20.53
N ALA A 70 -18.03 12.34 21.53
CA ALA A 70 -18.06 12.70 22.96
C ALA A 70 -17.41 14.04 23.17
N SER A 71 -17.97 14.81 24.10
CA SER A 71 -17.60 16.21 24.23
C SER A 71 -16.23 16.47 24.89
N THR A 72 -15.53 15.42 25.33
CA THR A 72 -14.15 15.54 25.76
C THR A 72 -13.21 15.53 24.56
N PHE A 73 -13.74 15.21 23.37
CA PHE A 73 -12.96 15.09 22.13
C PHE A 73 -13.44 16.10 21.12
N GLU A 74 -12.58 16.46 20.18
CA GLU A 74 -12.95 17.28 19.05
C GLU A 74 -12.34 16.65 17.78
N TRP A 75 -12.92 16.99 16.62
CA TRP A 75 -12.34 16.70 15.32
C TRP A 75 -11.26 17.73 15.04
N TRP A 76 -10.16 17.27 14.46
CA TRP A 76 -9.10 18.17 14.03
C TRP A 76 -8.67 17.76 12.62
N THR A 77 -8.48 18.76 11.76
CA THR A 77 -7.91 18.53 10.44
C THR A 77 -6.48 19.05 10.50
N PRO A 78 -5.49 18.14 10.56
CA PRO A 78 -4.11 18.59 10.64
C PRO A 78 -3.65 19.23 9.34
N ASN A 79 -2.67 20.13 9.43
CA ASN A 79 -2.03 20.71 8.26
C ASN A 79 -0.77 19.93 7.89
N MET A 80 -0.81 19.37 6.68
CA MET A 80 0.12 18.36 6.22
C MET A 80 1.45 18.90 5.68
N GLU A 81 1.47 20.22 5.44
CA GLU A 81 2.68 20.93 5.03
C GLU A 81 3.26 21.73 6.21
N ALA A 82 2.60 21.64 7.37
CA ALA A 82 3.17 22.12 8.64
C ALA A 82 3.96 21.01 9.34
N ALA A 83 5.25 21.25 9.50
CA ALA A 83 6.18 20.27 10.10
C ALA A 83 5.74 19.74 11.48
N ASP A 84 5.17 20.61 12.32
CA ASP A 84 4.74 20.20 13.67
C ASP A 84 3.52 19.27 13.72
N ASP A 85 2.52 19.54 12.87
CA ASP A 85 1.38 18.65 12.71
C ASP A 85 1.80 17.27 12.20
N ILE A 86 2.69 17.26 11.22
CA ILE A 86 3.30 16.02 10.73
C ILE A 86 3.91 15.31 11.93
N HIS A 87 4.65 16.04 12.75
CA HIS A 87 5.32 15.45 13.92
C HIS A 87 4.33 14.74 14.86
N ALA A 88 3.24 15.43 15.19
CA ALA A 88 2.19 14.90 16.04
C ALA A 88 1.58 13.61 15.46
N ILE A 89 1.28 13.60 14.16
CA ILE A 89 0.77 12.38 13.52
C ILE A 89 1.87 11.31 13.54
N TYR A 90 3.10 11.71 13.18
CA TYR A 90 4.26 10.84 13.29
C TYR A 90 4.33 10.11 14.67
N GLU A 91 4.18 10.84 15.78
CA GLU A 91 4.35 10.23 17.11
C GLU A 91 3.24 9.24 17.44
N LEU A 92 2.01 9.61 17.11
CA LEU A 92 0.86 8.73 17.30
C LEU A 92 1.09 7.41 16.58
N LEU A 93 1.54 7.48 15.33
CA LEU A 93 1.79 6.26 14.55
C LEU A 93 2.97 5.48 15.10
N ARG A 94 4.02 6.19 15.50
CA ARG A 94 5.20 5.55 16.04
C ARG A 94 4.84 4.65 17.24
N ASP A 95 3.91 5.14 18.08
CA ASP A 95 3.62 4.48 19.33
C ASP A 95 2.36 3.58 19.27
N ASN A 96 1.52 3.77 18.25
CA ASN A 96 0.20 3.11 18.23
C ASN A 96 -0.24 2.45 16.88
N TYR A 97 0.60 2.50 15.84
CA TYR A 97 0.22 1.93 14.53
C TYR A 97 0.53 0.43 14.47
N VAL A 98 0.51 -0.17 13.28
CA VAL A 98 0.55 -1.65 13.11
C VAL A 98 1.73 -2.37 13.83
N GLU A 99 1.40 -3.40 14.59
CA GLU A 99 2.42 -4.33 15.11
C GLU A 99 2.10 -5.71 14.57
N ASP A 100 3.10 -6.61 14.50
CA ASP A 100 2.82 -8.04 14.29
C ASP A 100 2.05 -8.55 15.52
N ASP A 101 1.51 -9.77 15.46
CA ASP A 101 0.70 -10.30 16.57
C ASP A 101 1.51 -10.64 17.82
N ASP A 102 2.81 -10.82 17.66
CA ASP A 102 3.68 -11.14 18.78
C ASP A 102 4.38 -9.93 19.40
N SER A 103 3.89 -8.73 19.08
CA SER A 103 4.48 -7.48 19.57
C SER A 103 6.00 -7.42 19.49
N MET A 104 6.57 -7.77 18.34
CA MET A 104 8.02 -7.69 18.10
C MET A 104 8.42 -6.44 17.32
N PHE A 105 7.54 -5.97 16.43
CA PHE A 105 7.83 -4.87 15.51
C PHE A 105 6.63 -3.96 15.42
N ARG A 106 6.85 -2.66 15.27
CA ARG A 106 5.76 -1.69 15.05
C ARG A 106 6.27 -0.74 13.99
N PHE A 107 5.40 -0.38 13.05
CA PHE A 107 5.85 0.50 11.95
C PHE A 107 6.28 1.84 12.51
N ASN A 108 7.33 2.41 11.92
CA ASN A 108 7.85 3.71 12.34
C ASN A 108 8.05 4.52 11.05
N TYR A 109 6.95 4.72 10.33
CA TYR A 109 6.93 5.57 9.18
C TYR A 109 7.55 6.93 9.52
N SER A 110 8.51 7.39 8.71
CA SER A 110 9.14 8.69 9.06
C SER A 110 8.23 9.87 8.73
N GLU A 111 8.52 11.01 9.36
CA GLU A 111 7.83 12.28 9.06
C GLU A 111 7.82 12.64 7.57
N GLU A 112 8.96 12.49 6.91
CA GLU A 112 9.07 12.81 5.47
C GLU A 112 8.25 11.87 4.61
N PHE A 113 8.20 10.59 5.01
CA PHE A 113 7.35 9.57 4.38
C PHE A 113 5.91 9.99 4.50
N LEU A 114 5.50 10.41 5.70
CA LEU A 114 4.09 10.81 5.88
C LEU A 114 3.73 12.03 5.04
N GLN A 115 4.59 13.03 4.97
CA GLN A 115 4.33 14.19 4.09
C GLN A 115 4.16 13.77 2.61
N TRP A 116 4.99 12.82 2.18
CA TRP A 116 4.92 12.28 0.83
C TRP A 116 3.64 11.47 0.60
N ALA A 117 3.33 10.56 1.51
CA ALA A 117 2.13 9.74 1.40
C ALA A 117 0.82 10.54 1.48
N LEU A 118 0.80 11.58 2.30
CA LEU A 118 -0.47 12.26 2.60
C LEU A 118 -0.72 13.45 1.72
N CYS A 119 0.32 13.93 1.03
CA CYS A 119 0.20 15.17 0.23
C CYS A 119 0.56 15.01 -1.25
N PRO A 120 -0.09 14.07 -1.95
CA PRO A 120 0.14 13.96 -3.38
C PRO A 120 -0.60 15.09 -4.13
N PRO A 121 -0.35 15.27 -5.45
CA PRO A 121 -1.06 16.35 -6.17
C PRO A 121 -2.59 16.27 -6.03
N ASN A 122 -3.18 17.45 -5.92
CA ASN A 122 -4.63 17.61 -5.77
C ASN A 122 -5.20 16.92 -4.55
N TYR A 123 -4.36 16.70 -3.52
CA TYR A 123 -4.90 16.12 -2.30
C TYR A 123 -5.90 17.07 -1.63
N ILE A 124 -6.81 16.50 -0.83
CA ILE A 124 -7.84 17.26 -0.14
C ILE A 124 -7.51 17.27 1.33
N PRO A 125 -7.17 18.46 1.86
CA PRO A 125 -6.78 18.58 3.29
C PRO A 125 -7.85 18.04 4.24
N ASP A 126 -9.11 18.28 3.92
CA ASP A 126 -10.27 17.81 4.70
C ASP A 126 -10.33 16.28 4.84
N TRP A 127 -9.69 15.57 3.92
CA TRP A 127 -9.72 14.11 3.95
C TRP A 127 -8.78 13.50 4.99
N HIS A 128 -7.97 14.33 5.64
CA HIS A 128 -7.15 13.89 6.75
C HIS A 128 -7.86 14.20 8.08
N VAL A 129 -8.25 13.13 8.77
CA VAL A 129 -9.21 13.22 9.85
C VAL A 129 -8.54 12.77 11.14
N ALA A 130 -8.51 13.67 12.14
CA ALA A 130 -7.97 13.32 13.47
C ALA A 130 -8.94 13.59 14.60
N VAL A 131 -8.83 12.80 15.66
CA VAL A 131 -9.50 13.06 16.92
C VAL A 131 -8.44 13.53 17.92
N ARG A 132 -8.76 14.62 18.61
CA ARG A 132 -7.94 15.25 19.64
C ARG A 132 -8.74 15.42 20.94
N ARG A 133 -8.06 15.28 22.08
CA ARG A 133 -8.64 15.62 23.39
C ARG A 133 -8.78 17.16 23.45
N LYS A 134 -9.99 17.63 23.79
CA LYS A 134 -10.30 19.05 23.78
C LYS A 134 -9.41 19.85 24.75
N ALA A 135 -9.20 19.28 25.94
CA ALA A 135 -8.47 19.93 27.02
C ALA A 135 -7.05 20.37 26.63
N ASP A 136 -6.25 19.44 26.10
CA ASP A 136 -4.82 19.66 25.90
C ASP A 136 -4.36 19.42 24.46
N LYS A 137 -5.34 19.22 23.57
CA LYS A 137 -5.11 18.98 22.17
C LYS A 137 -4.24 17.72 21.87
N LYS A 138 -4.22 16.76 22.81
CA LYS A 138 -3.51 15.50 22.58
C LYS A 138 -4.16 14.63 21.49
N LEU A 139 -3.33 14.20 20.54
CA LEU A 139 -3.80 13.36 19.44
C LEU A 139 -4.16 11.94 19.91
N LEU A 140 -5.37 11.51 19.56
CA LEU A 140 -5.90 10.23 20.02
C LEU A 140 -6.16 9.24 18.90
N ALA A 141 -6.44 9.75 17.70
CA ALA A 141 -6.79 8.86 16.59
C ALA A 141 -6.61 9.60 15.27
N PHE A 142 -6.49 8.83 14.20
CA PHE A 142 -6.20 9.37 12.88
C PHE A 142 -6.73 8.44 11.80
N ILE A 143 -7.17 9.02 10.69
CA ILE A 143 -7.41 8.25 9.47
C ILE A 143 -7.12 9.19 8.30
N ALA A 144 -6.56 8.65 7.22
CA ALA A 144 -6.26 9.52 6.07
C ALA A 144 -6.88 9.05 4.74
N GLY A 145 -7.41 10.00 3.97
CA GLY A 145 -7.85 9.74 2.61
C GLY A 145 -7.00 10.54 1.66
N VAL A 146 -6.64 9.95 0.52
CA VAL A 146 -6.01 10.69 -0.55
C VAL A 146 -6.68 10.31 -1.87
N PRO A 147 -6.73 11.25 -2.84
CA PRO A 147 -7.28 10.97 -4.15
C PRO A 147 -6.49 9.89 -4.92
N VAL A 148 -7.22 9.01 -5.61
CA VAL A 148 -6.58 8.12 -6.59
C VAL A 148 -7.49 7.98 -7.80
N THR A 149 -6.88 7.99 -8.99
CA THR A 149 -7.64 7.67 -10.19
C THR A 149 -7.45 6.18 -10.50
N LEU A 150 -8.53 5.43 -10.43
CA LEU A 150 -8.42 4.00 -10.47
C LEU A 150 -9.33 3.35 -11.53
N ARG A 151 -8.76 2.48 -12.36
CA ARG A 151 -9.55 1.59 -13.21
C ARG A 151 -10.11 0.49 -12.33
N MET A 152 -11.44 0.33 -12.35
CA MET A 152 -12.12 -0.59 -11.45
C MET A 152 -13.40 -1.14 -12.10
N GLY A 153 -13.37 -1.17 -13.43
CA GLY A 153 -14.44 -1.77 -14.20
C GLY A 153 -14.37 -3.28 -14.15
N THR A 154 -15.40 -3.91 -14.69
CA THR A 154 -15.52 -5.36 -14.68
C THR A 154 -14.23 -6.03 -15.20
N PRO A 155 -13.73 -7.04 -14.46
CA PRO A 155 -12.48 -7.67 -14.86
C PRO A 155 -12.62 -8.39 -16.23
N LYS A 156 -11.49 -8.67 -16.87
CA LYS A 156 -11.46 -9.24 -18.24
C LYS A 156 -12.27 -10.52 -18.45
N TYR A 157 -12.02 -11.52 -17.61
CA TYR A 157 -12.73 -12.79 -17.73
C TYR A 157 -14.27 -12.67 -17.57
N MET A 158 -14.74 -11.76 -16.71
CA MET A 158 -16.20 -11.52 -16.59
C MET A 158 -16.78 -10.79 -17.81
N LYS A 159 -16.00 -9.86 -18.36
CA LYS A 159 -16.32 -9.21 -19.62
C LYS A 159 -16.48 -10.20 -20.79
N VAL A 160 -15.61 -11.22 -20.83
CA VAL A 160 -15.64 -12.25 -21.87
C VAL A 160 -16.93 -13.06 -21.75
N LYS A 161 -17.28 -13.42 -20.52
CA LYS A 161 -18.49 -14.16 -20.23
C LYS A 161 -19.70 -13.29 -20.63
N ALA A 162 -19.71 -12.04 -20.19
CA ALA A 162 -20.81 -11.12 -20.49
C ALA A 162 -21.01 -10.93 -21.99
N GLN A 163 -19.93 -10.94 -22.75
CA GLN A 163 -19.98 -10.89 -24.21
C GLN A 163 -20.59 -12.15 -24.88
N GLU A 164 -20.32 -13.35 -24.33
CA GLU A 164 -20.98 -14.62 -24.75
C GLU A 164 -22.49 -14.50 -24.62
N LYS A 165 -22.90 -13.85 -23.53
CA LYS A 165 -24.28 -13.74 -23.08
C LYS A 165 -25.02 -12.45 -23.51
N GLY A 166 -24.39 -11.60 -24.31
CA GLY A 166 -25.05 -10.34 -24.72
C GLY A 166 -25.27 -9.31 -23.61
N GLU A 167 -24.41 -9.33 -22.60
CA GLU A 167 -24.47 -8.39 -21.47
C GLU A 167 -23.24 -7.48 -21.40
N GLY A 168 -22.60 -7.25 -22.55
CA GLY A 168 -21.41 -6.40 -22.64
C GLY A 168 -21.64 -4.98 -22.18
N GLU A 169 -22.79 -4.43 -22.51
CA GLU A 169 -23.19 -3.08 -22.08
C GLU A 169 -23.13 -2.96 -20.56
N GLU A 170 -23.77 -3.90 -19.87
CA GLU A 170 -23.77 -3.90 -18.41
C GLU A 170 -22.37 -4.09 -17.84
N ALA A 171 -21.59 -4.99 -18.44
CA ALA A 171 -20.22 -5.24 -17.99
C ALA A 171 -19.26 -4.07 -18.23
N ALA A 172 -19.50 -3.27 -19.27
CA ALA A 172 -18.63 -2.11 -19.58
C ALA A 172 -19.11 -0.79 -19.00
N LYS A 173 -20.26 -0.78 -18.32
CA LYS A 173 -20.83 0.47 -17.85
C LYS A 173 -19.83 1.33 -17.04
N TYR A 174 -19.02 0.69 -16.20
CA TYR A 174 -18.08 1.45 -15.36
C TYR A 174 -16.58 1.20 -15.70
N ASP A 175 -16.28 1.18 -16.99
CA ASP A 175 -14.90 1.01 -17.49
C ASP A 175 -14.03 2.26 -17.35
N GLU A 176 -14.63 3.44 -17.44
CA GLU A 176 -13.87 4.68 -17.28
C GLU A 176 -13.18 4.75 -15.91
N PRO A 177 -11.87 5.14 -15.89
CA PRO A 177 -11.17 5.39 -14.62
C PRO A 177 -11.97 6.32 -13.68
N ARG A 178 -12.10 5.92 -12.41
CA ARG A 178 -12.88 6.70 -11.49
C ARG A 178 -11.97 7.47 -10.54
N HIS A 179 -12.35 8.70 -10.24
CA HIS A 179 -11.66 9.51 -9.24
C HIS A 179 -12.27 9.17 -7.88
N ILE A 180 -11.50 8.41 -7.09
CA ILE A 180 -11.97 7.87 -5.83
C ILE A 180 -11.04 8.23 -4.67
N CYS A 181 -11.29 7.66 -3.50
CA CYS A 181 -10.47 7.92 -2.34
C CYS A 181 -9.77 6.65 -1.89
N GLU A 182 -8.52 6.83 -1.46
CA GLU A 182 -7.68 5.75 -0.94
C GLU A 182 -7.49 5.98 0.56
N ILE A 183 -7.96 5.04 1.38
CA ILE A 183 -7.83 5.08 2.84
C ILE A 183 -6.58 4.35 3.36
N ASN A 184 -5.90 4.97 4.31
CA ASN A 184 -4.67 4.46 4.92
C ASN A 184 -4.48 5.10 6.28
N PHE A 185 -3.63 4.48 7.10
CA PHE A 185 -3.17 5.08 8.36
C PHE A 185 -4.24 5.25 9.45
N LEU A 186 -5.24 4.38 9.45
CA LEU A 186 -6.23 4.33 10.53
C LEU A 186 -5.53 3.87 11.79
N CYS A 187 -5.66 4.66 12.86
CA CYS A 187 -4.97 4.39 14.08
C CYS A 187 -5.73 4.98 15.25
N VAL A 188 -6.00 4.15 16.25
CA VAL A 188 -6.57 4.62 17.51
C VAL A 188 -5.50 4.37 18.58
N HIS A 189 -5.35 5.35 19.46
CA HIS A 189 -4.40 5.23 20.56
C HIS A 189 -4.64 3.96 21.41
N LYS A 190 -3.55 3.31 21.83
CA LYS A 190 -3.64 2.07 22.62
C LYS A 190 -4.55 2.15 23.85
N GLN A 191 -4.58 3.31 24.50
CA GLN A 191 -5.44 3.52 25.66
C GLN A 191 -6.92 3.71 25.29
N LEU A 192 -7.19 3.92 24.01
CA LEU A 192 -8.57 4.08 23.58
C LEU A 192 -9.12 2.92 22.75
N ARG A 193 -8.43 1.77 22.78
CA ARG A 193 -8.86 0.61 21.98
C ARG A 193 -10.17 -0.02 22.51
N GLU A 194 -10.96 -0.55 21.58
CA GLU A 194 -12.18 -1.32 21.82
C GLU A 194 -13.24 -0.52 22.56
N LYS A 195 -13.28 0.78 22.25
CA LYS A 195 -14.28 1.71 22.71
C LYS A 195 -15.07 2.23 21.50
N ARG A 196 -15.07 1.45 20.42
CA ARG A 196 -15.85 1.73 19.19
C ARG A 196 -15.51 3.05 18.51
N LEU A 197 -14.29 3.53 18.69
CA LEU A 197 -13.86 4.77 18.05
C LEU A 197 -13.52 4.65 16.54
N ALA A 198 -12.97 3.51 16.12
CA ALA A 198 -12.72 3.27 14.68
C ALA A 198 -13.99 3.44 13.79
N PRO A 199 -15.14 2.82 14.17
CA PRO A 199 -16.32 3.10 13.35
C PRO A 199 -16.59 4.58 13.17
N ILE A 200 -16.42 5.38 14.23
CA ILE A 200 -16.68 6.83 14.22
C ILE A 200 -15.72 7.58 13.29
N LEU A 201 -14.43 7.23 13.37
CA LEU A 201 -13.45 7.76 12.40
C LEU A 201 -13.82 7.46 10.94
N ILE A 202 -14.24 6.23 10.68
CA ILE A 202 -14.60 5.76 9.32
C ILE A 202 -15.87 6.48 8.78
N LYS A 203 -16.89 6.59 9.64
CA LYS A 203 -18.08 7.41 9.34
C LYS A 203 -17.77 8.87 9.00
N GLU A 204 -16.87 9.49 9.75
CA GLU A 204 -16.51 10.88 9.51
C GLU A 204 -15.72 11.08 8.24
N ALA A 205 -14.76 10.18 7.98
CA ALA A 205 -14.01 10.12 6.71
C ALA A 205 -14.96 9.96 5.52
N THR A 206 -15.87 8.99 5.62
CA THR A 206 -16.92 8.75 4.61
C THR A 206 -17.73 10.03 4.32
N ARG A 207 -18.19 10.70 5.37
CA ARG A 207 -18.90 11.97 5.24
C ARG A 207 -18.10 13.06 4.48
N ARG A 208 -16.85 13.27 4.88
CA ARG A 208 -16.02 14.31 4.24
C ARG A 208 -15.71 14.02 2.78
N VAL A 209 -15.55 12.73 2.46
CA VAL A 209 -15.35 12.31 1.06
C VAL A 209 -16.65 12.42 0.25
N ASN A 210 -17.76 11.95 0.83
CA ASN A 210 -19.07 12.09 0.18
C ASN A 210 -19.37 13.59 -0.13
N ARG A 211 -19.01 14.49 0.80
CA ARG A 211 -19.25 15.92 0.66
C ARG A 211 -18.50 16.47 -0.55
N THR A 212 -17.48 15.74 -1.02
CA THR A 212 -16.72 16.20 -2.18
C THR A 212 -17.14 15.45 -3.43
N ASN A 213 -18.31 14.78 -3.35
CA ASN A 213 -18.92 14.03 -4.44
C ASN A 213 -18.15 12.78 -4.90
N VAL A 214 -17.54 12.08 -3.95
CA VAL A 214 -16.83 10.82 -4.21
C VAL A 214 -17.53 9.72 -3.39
N TRP A 215 -17.88 8.61 -4.03
CA TRP A 215 -18.75 7.58 -3.40
C TRP A 215 -18.09 6.20 -3.25
N GLN A 216 -16.86 6.07 -3.75
CA GLN A 216 -16.10 4.81 -3.61
C GLN A 216 -14.78 5.08 -2.93
N ALA A 217 -14.30 4.06 -2.22
CA ALA A 217 -12.95 4.10 -1.72
C ALA A 217 -12.28 2.73 -1.94
N VAL A 218 -10.96 2.74 -1.91
CA VAL A 218 -10.14 1.50 -1.93
C VAL A 218 -9.24 1.53 -0.68
N TYR A 219 -9.07 0.40 0.00
CA TYR A 219 -8.22 0.26 1.19
C TYR A 219 -7.64 -1.18 1.26
N THR A 220 -6.54 -1.36 1.98
CA THR A 220 -5.98 -2.71 2.22
C THR A 220 -5.83 -2.82 3.72
N ALA A 221 -5.77 -4.06 4.19
CA ALA A 221 -5.59 -4.37 5.58
C ALA A 221 -4.92 -5.74 5.65
N GLY A 222 -4.14 -5.94 6.69
CA GLY A 222 -3.57 -7.27 6.97
C GLY A 222 -4.60 -8.17 7.60
N VAL A 223 -5.65 -7.59 8.17
CA VAL A 223 -6.74 -8.36 8.78
C VAL A 223 -7.91 -8.67 7.81
N LEU A 224 -8.66 -9.72 8.11
CA LEU A 224 -9.85 -10.11 7.34
C LEU A 224 -11.13 -9.38 7.78
N LEU A 225 -11.75 -8.66 6.85
CA LEU A 225 -12.98 -7.91 7.09
C LEU A 225 -13.95 -8.28 5.98
N PRO A 226 -15.22 -7.87 6.13
CA PRO A 226 -16.15 -8.03 4.98
C PRO A 226 -15.86 -6.94 3.92
N THR A 227 -15.54 -7.31 2.67
CA THR A 227 -15.13 -8.64 2.22
C THR A 227 -14.07 -8.35 1.14
N PRO A 228 -12.91 -9.01 1.21
CA PRO A 228 -11.85 -8.69 0.24
C PRO A 228 -12.26 -8.97 -1.20
N TYR A 229 -11.84 -8.15 -2.18
CA TYR A 229 -11.97 -8.60 -3.57
C TYR A 229 -10.75 -9.38 -4.05
N ALA A 230 -9.65 -9.30 -3.33
CA ALA A 230 -8.42 -9.97 -3.72
C ALA A 230 -7.62 -10.09 -2.45
N SER A 231 -6.80 -11.13 -2.39
CA SER A 231 -5.95 -11.36 -1.26
C SER A 231 -4.64 -12.01 -1.70
N GLY A 232 -3.51 -11.52 -1.15
CA GLY A 232 -2.21 -12.07 -1.53
C GLY A 232 -1.29 -12.24 -0.35
N GLN A 233 -0.37 -13.22 -0.45
CA GLN A 233 0.66 -13.39 0.58
C GLN A 233 1.71 -12.32 0.49
N TYR A 234 2.27 -11.97 1.65
CA TYR A 234 3.55 -11.25 1.73
C TYR A 234 4.73 -12.18 1.43
N PHE A 235 5.79 -11.59 0.86
CA PHE A 235 7.05 -12.24 0.52
C PHE A 235 8.21 -11.39 1.02
N HIS A 236 9.30 -12.05 1.42
CA HIS A 236 10.44 -11.37 2.05
C HIS A 236 11.75 -11.86 1.45
N ARG A 237 12.65 -10.92 1.16
CA ARG A 237 13.98 -11.24 0.68
C ARG A 237 15.03 -10.70 1.67
N SER A 238 15.61 -11.63 2.43
CA SER A 238 16.65 -11.30 3.40
C SER A 238 17.82 -10.61 2.74
N LEU A 239 18.21 -9.49 3.32
CA LEU A 239 19.37 -8.74 2.86
C LEU A 239 20.47 -8.75 3.92
N ASN A 240 20.07 -8.76 5.19
CA ASN A 240 21.01 -8.88 6.32
C ASN A 240 20.52 -10.02 7.22
N PRO A 241 20.79 -11.29 6.83
CA PRO A 241 20.16 -12.43 7.53
C PRO A 241 20.50 -12.56 9.01
N GLU A 242 21.74 -12.20 9.38
CA GLU A 242 22.17 -12.30 10.78
C GLU A 242 21.37 -11.39 11.72
N LYS A 243 21.15 -10.13 11.29
CA LYS A 243 20.29 -9.21 12.01
C LYS A 243 18.86 -9.76 12.12
N LEU A 244 18.32 -10.30 11.01
CA LEU A 244 16.93 -10.78 10.99
C LEU A 244 16.68 -12.01 11.88
N VAL A 245 17.68 -12.89 11.96
CA VAL A 245 17.67 -14.00 12.91
C VAL A 245 17.76 -13.48 14.35
N GLU A 246 18.75 -12.61 14.59
CA GLU A 246 18.90 -12.00 15.91
C GLU A 246 17.60 -11.39 16.42
N ILE A 247 16.88 -10.63 15.56
CA ILE A 247 15.64 -9.98 16.03
C ILE A 247 14.40 -10.86 15.92
N ARG A 248 14.60 -12.09 15.42
CA ARG A 248 13.55 -13.09 15.24
C ARG A 248 12.45 -12.67 14.25
N PHE A 249 12.81 -11.85 13.28
CA PHE A 249 11.97 -11.68 12.11
C PHE A 249 12.03 -13.01 11.34
N SER A 250 13.24 -13.58 11.27
CA SER A 250 13.50 -14.84 10.57
C SER A 250 13.97 -15.89 11.55
N GLY A 251 13.86 -17.15 11.17
CA GLY A 251 14.51 -18.24 11.87
C GLY A 251 15.47 -18.94 10.92
N ILE A 252 16.34 -19.78 11.47
CA ILE A 252 17.22 -20.62 10.66
C ILE A 252 16.46 -21.91 10.38
N PRO A 253 16.14 -22.18 9.09
CA PRO A 253 15.43 -23.42 8.73
C PRO A 253 16.18 -24.67 9.20
N ALA A 254 15.41 -25.73 9.44
CA ALA A 254 15.90 -26.93 10.09
C ALA A 254 16.99 -27.67 9.31
N GLN A 255 17.00 -27.58 7.98
CA GLN A 255 18.07 -28.28 7.23
C GLN A 255 19.42 -27.60 7.39
N TYR A 256 19.42 -26.32 7.74
CA TYR A 256 20.67 -25.64 8.03
C TYR A 256 21.38 -26.26 9.23
N GLN A 257 20.63 -26.98 10.07
CA GLN A 257 21.20 -27.64 11.26
C GLN A 257 22.11 -28.82 10.94
N LYS A 258 21.98 -29.36 9.74
CA LYS A 258 22.93 -30.37 9.26
C LYS A 258 24.26 -29.75 8.80
N PHE A 259 24.33 -28.42 8.72
CA PHE A 259 25.61 -27.75 8.46
C PHE A 259 26.40 -27.55 9.76
N GLN A 260 27.71 -27.60 9.62
CA GLN A 260 28.62 -27.31 10.72
C GLN A 260 28.49 -25.85 11.20
N ASN A 261 28.26 -24.92 10.28
CA ASN A 261 28.03 -23.51 10.64
C ASN A 261 26.77 -22.97 9.95
N PRO A 262 25.59 -23.18 10.55
CA PRO A 262 24.31 -22.76 10.01
C PRO A 262 24.33 -21.31 9.48
N MET A 263 24.78 -20.38 10.32
CA MET A 263 24.75 -18.96 9.97
C MET A 263 25.66 -18.57 8.81
N ALA A 264 26.82 -19.22 8.67
CA ALA A 264 27.72 -18.96 7.51
C ALA A 264 27.07 -19.44 6.23
N MET A 265 26.41 -20.59 6.30
CA MET A 265 25.64 -21.09 5.17
C MET A 265 24.46 -20.14 4.84
N LEU A 266 23.80 -19.62 5.87
CA LEU A 266 22.68 -18.69 5.68
C LEU A 266 23.10 -17.34 5.06
N LYS A 267 24.18 -16.77 5.60
CA LYS A 267 24.79 -15.56 5.06
C LYS A 267 25.18 -15.77 3.58
N ARG A 268 25.90 -16.87 3.31
CA ARG A 268 26.28 -17.23 1.95
C ARG A 268 25.09 -17.39 1.00
N ASN A 269 24.04 -18.04 1.48
CA ASN A 269 22.87 -18.24 0.65
C ASN A 269 22.22 -16.93 0.18
N TYR A 270 22.31 -15.88 1.00
CA TYR A 270 21.60 -14.64 0.72
C TYR A 270 22.45 -13.49 0.22
N GLN A 271 23.75 -13.76 0.06
CA GLN A 271 24.71 -12.76 -0.33
C GLN A 271 24.41 -12.24 -1.74
N LEU A 272 24.71 -10.95 -1.94
CA LEU A 272 24.45 -10.24 -3.19
C LEU A 272 25.71 -9.50 -3.62
N PRO A 273 25.85 -9.24 -4.93
CA PRO A 273 26.87 -8.31 -5.41
C PRO A 273 26.71 -6.92 -4.78
N SER A 274 27.78 -6.14 -4.74
CA SER A 274 27.74 -4.75 -4.27
C SER A 274 27.33 -3.77 -5.37
N ALA A 275 27.66 -4.07 -6.62
CA ALA A 275 27.35 -3.17 -7.73
C ALA A 275 26.25 -3.72 -8.60
N PRO A 276 25.35 -2.83 -9.10
CA PRO A 276 24.26 -3.28 -9.99
C PRO A 276 24.83 -3.97 -11.23
N LYS A 277 24.05 -4.88 -11.82
CA LYS A 277 24.49 -5.63 -13.00
C LYS A 277 24.11 -4.96 -14.33
N ASN A 278 23.02 -4.18 -14.34
CA ASN A 278 22.56 -3.58 -15.58
C ASN A 278 23.33 -2.32 -15.90
N SER A 279 23.94 -2.24 -17.07
CA SER A 279 24.61 -1.00 -17.40
C SER A 279 23.53 -0.04 -17.91
N GLY A 280 23.72 1.24 -17.66
CA GLY A 280 22.64 2.20 -17.86
C GLY A 280 21.87 2.57 -16.60
N LEU A 281 21.93 1.73 -15.56
CA LEU A 281 21.16 1.95 -14.33
C LEU A 281 21.60 3.23 -13.65
N ARG A 282 20.66 4.14 -13.43
CA ARG A 282 20.94 5.37 -12.70
C ARG A 282 19.67 5.80 -11.96
N GLU A 283 19.77 6.83 -11.14
CA GLU A 283 18.60 7.34 -10.47
C GLU A 283 17.72 8.10 -11.44
N MET A 284 16.43 8.09 -11.17
CA MET A 284 15.46 8.77 -11.99
C MET A 284 15.62 10.29 -11.84
N LYS A 285 15.39 11.04 -12.91
CA LYS A 285 15.42 12.47 -12.83
C LYS A 285 14.15 13.07 -13.47
N PRO A 286 13.88 14.35 -13.18
CA PRO A 286 12.62 14.93 -13.68
C PRO A 286 12.36 14.73 -15.19
N SER A 287 13.38 14.91 -16.05
CA SER A 287 13.22 14.67 -17.52
C SER A 287 12.86 13.20 -17.90
N ASP A 288 12.98 12.27 -16.94
CA ASP A 288 12.51 10.88 -17.14
C ASP A 288 10.98 10.71 -17.05
N VAL A 289 10.31 11.66 -16.42
CA VAL A 289 8.88 11.52 -16.07
C VAL A 289 8.03 11.06 -17.25
N PRO A 290 8.05 11.78 -18.41
CA PRO A 290 7.18 11.31 -19.48
C PRO A 290 7.44 9.87 -19.99
N GLN A 291 8.71 9.50 -20.20
CA GLN A 291 9.06 8.12 -20.62
C GLN A 291 8.55 7.10 -19.57
N VAL A 292 8.89 7.34 -18.30
CA VAL A 292 8.49 6.48 -17.15
C VAL A 292 6.96 6.28 -17.10
N ARG A 293 6.23 7.40 -17.19
CA ARG A 293 4.76 7.40 -17.26
C ARG A 293 4.24 6.47 -18.37
N ARG A 294 4.84 6.59 -19.55
CA ARG A 294 4.45 5.83 -20.75
C ARG A 294 4.58 4.32 -20.54
N ILE A 295 5.77 3.88 -20.08
CA ILE A 295 6.01 2.46 -19.94
C ILE A 295 5.28 1.90 -18.72
N LEU A 296 5.11 2.74 -17.69
CA LEU A 296 4.37 2.28 -16.52
C LEU A 296 2.90 2.10 -16.89
N MET A 297 2.35 3.07 -17.61
CA MET A 297 0.92 3.02 -17.90
C MET A 297 0.57 1.89 -18.85
N ASN A 298 1.39 1.71 -19.89
CA ASN A 298 1.27 0.58 -20.81
C ASN A 298 1.26 -0.78 -20.11
N TYR A 299 2.09 -0.92 -19.07
CA TYR A 299 2.17 -2.14 -18.27
C TYR A 299 0.99 -2.28 -17.31
N LEU A 300 0.66 -1.22 -16.56
CA LEU A 300 -0.44 -1.25 -15.58
C LEU A 300 -1.81 -1.47 -16.22
N ASP A 301 -1.99 -0.95 -17.45
CA ASP A 301 -3.25 -1.03 -18.19
C ASP A 301 -3.65 -2.48 -18.50
N SER A 302 -2.69 -3.39 -18.45
CA SER A 302 -3.00 -4.80 -18.67
C SER A 302 -3.61 -5.51 -17.43
N PHE A 303 -3.63 -4.87 -16.27
CA PHE A 303 -4.25 -5.49 -15.08
C PHE A 303 -5.72 -5.04 -14.94
N ASP A 304 -6.56 -5.88 -14.35
CA ASP A 304 -7.95 -5.50 -14.08
C ASP A 304 -8.15 -4.31 -13.14
N VAL A 305 -7.34 -4.20 -12.09
CA VAL A 305 -7.47 -3.08 -11.14
C VAL A 305 -6.11 -2.39 -11.07
N GLY A 306 -6.09 -1.10 -11.42
CA GLY A 306 -4.85 -0.36 -11.38
C GLY A 306 -5.05 1.15 -11.41
N PRO A 307 -4.05 1.90 -10.90
CA PRO A 307 -4.10 3.34 -10.96
C PRO A 307 -3.80 3.92 -12.34
N VAL A 308 -4.38 5.09 -12.58
CA VAL A 308 -4.02 5.94 -13.71
C VAL A 308 -3.28 7.17 -13.12
N PHE A 309 -2.02 7.37 -13.56
CA PHE A 309 -1.17 8.47 -13.08
C PHE A 309 -0.95 9.59 -14.11
N SER A 310 -1.12 10.84 -13.66
CA SER A 310 -0.70 12.01 -14.43
C SER A 310 0.84 12.19 -14.39
N ASP A 311 1.39 13.06 -15.24
CA ASP A 311 2.82 13.47 -15.09
C ASP A 311 3.14 13.92 -13.65
N ALA A 312 2.24 14.71 -13.05
CA ALA A 312 2.45 15.24 -11.71
C ALA A 312 2.54 14.12 -10.69
N GLU A 313 1.74 13.07 -10.86
CA GLU A 313 1.71 11.97 -9.90
C GLU A 313 2.87 11.01 -10.09
N ILE A 314 3.30 10.80 -11.34
CA ILE A 314 4.53 10.03 -11.59
C ILE A 314 5.69 10.77 -10.89
N SER A 315 5.76 12.09 -11.07
CA SER A 315 6.92 12.90 -10.39
CA SER A 315 6.83 12.86 -10.48
C SER A 315 6.77 12.74 -8.95
N HIS A 316 5.58 12.88 -8.38
CA HIS A 316 5.41 12.80 -6.92
C HIS A 316 5.69 11.41 -6.30
N TYR A 317 5.11 10.38 -6.90
CA TYR A 317 5.24 9.03 -6.36
C TYR A 317 6.59 8.31 -6.70
N LEU A 318 7.25 8.75 -7.77
CA LEU A 318 8.49 8.07 -8.20
C LEU A 318 9.83 8.85 -8.13
N LEU A 319 9.81 10.18 -8.24
CA LEU A 319 11.10 10.91 -8.10
C LEU A 319 11.75 10.64 -6.73
N PRO A 320 13.07 10.36 -6.71
CA PRO A 320 13.76 9.98 -5.46
C PRO A 320 13.61 11.07 -4.40
N ARG A 321 13.42 10.65 -3.14
CA ARG A 321 13.36 11.53 -1.98
C ARG A 321 14.13 10.84 -0.89
N ASP A 322 15.18 11.49 -0.38
CA ASP A 322 16.07 10.89 0.59
C ASP A 322 15.31 10.23 1.71
N GLY A 323 15.68 9.00 2.00
CA GLY A 323 15.12 8.20 3.10
C GLY A 323 13.71 7.70 2.95
N VAL A 324 13.09 7.91 1.78
CA VAL A 324 11.66 7.64 1.57
C VAL A 324 11.38 6.77 0.33
N VAL A 325 11.77 7.25 -0.84
CA VAL A 325 11.52 6.51 -2.05
C VAL A 325 12.72 6.59 -2.98
N PHE A 326 13.09 5.44 -3.55
CA PHE A 326 14.33 5.26 -4.30
C PHE A 326 13.91 4.71 -5.65
N THR A 327 14.28 5.38 -6.75
CA THR A 327 13.78 4.99 -8.09
C THR A 327 14.91 5.05 -9.08
N TYR A 328 15.05 3.98 -9.87
CA TYR A 328 16.15 3.83 -10.83
C TYR A 328 15.61 3.49 -12.18
N VAL A 329 16.21 4.05 -13.24
CA VAL A 329 15.83 3.71 -14.59
C VAL A 329 16.97 2.96 -15.27
N VAL A 330 16.67 2.20 -16.31
CA VAL A 330 17.69 1.68 -17.21
C VAL A 330 17.71 2.58 -18.45
N GLU A 331 18.82 3.28 -18.66
CA GLU A 331 18.94 4.13 -19.82
C GLU A 331 20.15 3.70 -20.63
N ASN A 332 19.96 2.68 -21.47
CA ASN A 332 20.95 2.31 -22.45
C ASN A 332 20.67 3.04 -23.77
N ASP A 333 21.54 4.00 -24.11
CA ASP A 333 21.34 4.84 -25.31
C ASP A 333 20.37 5.97 -25.03
N LYS A 334 20.81 6.94 -24.23
CA LYS A 334 19.94 8.03 -23.78
C LYS A 334 18.46 7.72 -23.95
N LYS A 335 18.08 6.45 -23.76
CA LYS A 335 16.67 6.03 -23.85
C LYS A 335 16.24 5.15 -22.65
N VAL A 336 15.22 5.58 -21.91
CA VAL A 336 14.74 4.85 -20.74
C VAL A 336 13.78 3.74 -21.14
N THR A 337 14.18 2.50 -20.85
CA THR A 337 13.43 1.32 -21.28
C THR A 337 12.87 0.44 -20.13
N ASP A 338 13.41 0.63 -18.93
CA ASP A 338 12.98 -0.11 -17.73
C ASP A 338 13.16 0.81 -16.53
N PHE A 339 12.42 0.54 -15.44
CA PHE A 339 12.65 1.25 -14.18
C PHE A 339 12.11 0.39 -13.04
N PHE A 340 12.62 0.61 -11.84
CA PHE A 340 12.08 -0.02 -10.61
C PHE A 340 12.12 1.03 -9.51
N SER A 341 11.26 0.87 -8.53
CA SER A 341 11.22 1.80 -7.44
C SER A 341 10.98 0.97 -6.16
N PHE A 342 11.47 1.46 -5.05
CA PHE A 342 11.11 0.89 -3.76
C PHE A 342 10.99 1.99 -2.72
N TYR A 343 10.20 1.75 -1.67
CA TYR A 343 10.10 2.71 -0.54
C TYR A 343 10.52 2.12 0.80
N ARG A 344 10.88 3.01 1.73
CA ARG A 344 11.41 2.63 3.04
C ARG A 344 10.34 2.70 4.11
N ILE A 345 10.14 1.59 4.81
CA ILE A 345 9.39 1.64 6.07
C ILE A 345 10.23 0.97 7.14
N PRO A 346 10.75 1.77 8.07
CA PRO A 346 11.42 1.15 9.19
C PRO A 346 10.39 0.71 10.22
N SER A 347 10.72 -0.31 11.01
CA SER A 347 9.88 -0.70 12.13
C SER A 347 10.74 -0.64 13.36
N THR A 348 10.17 -0.19 14.46
CA THR A 348 10.77 -0.28 15.77
C THR A 348 10.89 -1.75 16.13
N VAL A 349 12.07 -2.16 16.55
CA VAL A 349 12.29 -3.48 17.08
C VAL A 349 12.03 -3.41 18.58
N ILE A 350 10.85 -3.88 18.99
CA ILE A 350 10.29 -3.57 20.30
C ILE A 350 10.90 -4.41 21.41
N GLY A 351 11.21 -5.67 21.13
CA GLY A 351 11.62 -6.61 22.19
C GLY A 351 13.08 -6.99 22.26
N ASN A 352 13.89 -6.39 21.39
CA ASN A 352 15.31 -6.65 21.37
C ASN A 352 16.02 -5.33 21.61
N SER A 353 16.92 -5.31 22.59
CA SER A 353 17.63 -4.08 23.01
C SER A 353 18.79 -3.70 22.11
N ASN A 354 19.29 -4.65 21.31
CA ASN A 354 20.50 -4.44 20.51
C ASN A 354 20.26 -3.66 19.21
N TYR A 355 19.00 -3.59 18.77
CA TYR A 355 18.62 -2.86 17.56
C TYR A 355 17.43 -1.98 17.79
N ASN A 356 17.49 -0.75 17.30
CA ASN A 356 16.36 0.15 17.39
C ASN A 356 15.37 -0.03 16.23
N LEU A 357 15.91 -0.27 15.03
CA LEU A 357 15.09 -0.30 13.81
C LEU A 357 15.39 -1.47 12.90
N LEU A 358 14.32 -2.05 12.36
CA LEU A 358 14.43 -2.95 11.23
C LEU A 358 14.13 -2.09 10.01
N ASN A 359 15.09 -2.03 9.08
CA ASN A 359 14.90 -1.22 7.86
C ASN A 359 14.42 -2.03 6.63
N ALA A 360 13.12 -1.95 6.35
CA ALA A 360 12.55 -2.70 5.22
C ALA A 360 12.42 -1.83 3.94
N ALA A 361 12.83 -2.41 2.81
CA ALA A 361 12.54 -1.83 1.48
C ALA A 361 11.38 -2.57 0.80
N TYR A 362 10.38 -1.78 0.38
CA TYR A 362 9.17 -2.33 -0.22
C TYR A 362 9.18 -2.12 -1.73
N VAL A 363 8.96 -3.20 -2.46
CA VAL A 363 8.86 -3.11 -3.91
C VAL A 363 7.63 -2.26 -4.28
N HIS A 364 7.85 -1.29 -5.16
CA HIS A 364 6.86 -0.22 -5.47
C HIS A 364 6.46 -0.47 -6.93
N TYR A 365 6.46 0.55 -7.79
CA TYR A 365 6.06 0.34 -9.20
C TYR A 365 7.32 -0.03 -10.01
N TYR A 366 7.14 -0.75 -11.11
CA TYR A 366 8.27 -1.05 -12.01
C TYR A 366 7.73 -1.29 -13.41
N ALA A 367 8.57 -1.26 -14.44
CA ALA A 367 8.21 -1.73 -15.77
C ALA A 367 9.48 -2.18 -16.47
N ALA A 368 9.42 -3.32 -17.15
CA ALA A 368 10.60 -3.83 -17.87
C ALA A 368 10.21 -4.06 -19.32
N THR A 369 10.92 -3.40 -20.25
CA THR A 369 10.68 -3.68 -21.67
C THR A 369 11.93 -4.25 -22.38
N SER A 370 13.12 -4.09 -21.79
CA SER A 370 14.33 -4.52 -22.50
C SER A 370 15.01 -5.72 -21.85
N ILE A 371 14.61 -6.06 -20.64
CA ILE A 371 15.27 -7.16 -19.92
C ILE A 371 14.24 -7.97 -19.13
N PRO A 372 14.59 -9.20 -18.75
CA PRO A 372 13.65 -9.98 -17.96
C PRO A 372 13.44 -9.30 -16.62
N LEU A 373 12.24 -9.40 -16.09
CA LEU A 373 11.93 -8.80 -14.80
C LEU A 373 12.84 -9.26 -13.64
N HIS A 374 13.20 -10.53 -13.60
CA HIS A 374 14.09 -11.00 -12.53
C HIS A 374 15.45 -10.28 -12.55
N GLN A 375 15.90 -9.92 -13.75
CA GLN A 375 17.16 -9.19 -13.90
C GLN A 375 17.02 -7.70 -13.48
N LEU A 376 15.92 -7.06 -13.82
CA LEU A 376 15.64 -5.70 -13.29
C LEU A 376 15.62 -5.63 -11.75
N ILE A 377 14.91 -6.59 -11.16
CA ILE A 377 14.69 -6.63 -9.71
C ILE A 377 15.93 -7.11 -8.93
N LEU A 378 16.80 -7.91 -9.56
CA LEU A 378 18.07 -8.22 -8.88
C LEU A 378 18.81 -6.92 -8.50
N ASP A 379 18.87 -5.96 -9.42
CA ASP A 379 19.48 -4.64 -9.17
C ASP A 379 18.76 -3.88 -8.05
N LEU A 380 17.45 -4.03 -7.96
CA LEU A 380 16.71 -3.50 -6.81
C LEU A 380 17.25 -4.07 -5.49
N LEU A 381 17.39 -5.40 -5.41
CA LEU A 381 17.97 -6.03 -4.20
C LEU A 381 19.39 -5.52 -3.94
N ILE A 382 20.19 -5.43 -4.99
CA ILE A 382 21.60 -4.99 -4.87
C ILE A 382 21.67 -3.58 -4.30
N VAL A 383 20.89 -2.65 -4.88
CA VAL A 383 20.83 -1.28 -4.37
C VAL A 383 20.30 -1.25 -2.93
N ALA A 384 19.19 -1.93 -2.67
CA ALA A 384 18.65 -1.89 -1.32
C ALA A 384 19.66 -2.46 -0.31
N HIS A 385 20.35 -3.54 -0.68
CA HIS A 385 21.39 -4.10 0.20
C HIS A 385 22.55 -3.09 0.47
N SER A 386 23.07 -2.48 -0.61
CA SER A 386 24.19 -1.57 -0.46
C SER A 386 23.80 -0.35 0.35
N ARG A 387 22.54 0.05 0.32
CA ARG A 387 22.09 1.22 1.09
C ARG A 387 21.78 0.89 2.55
N GLY A 388 22.04 -0.34 2.98
CA GLY A 388 21.81 -0.78 4.35
C GLY A 388 20.41 -1.24 4.74
N PHE A 389 19.61 -1.67 3.76
CA PHE A 389 18.30 -2.25 4.10
C PHE A 389 18.45 -3.67 4.62
N ASP A 390 17.60 -4.07 5.55
CA ASP A 390 17.68 -5.39 6.17
C ASP A 390 16.91 -6.47 5.41
N VAL A 391 15.76 -6.09 4.84
CA VAL A 391 14.88 -7.00 4.12
C VAL A 391 14.18 -6.28 2.96
N CYS A 392 13.82 -7.03 1.93
CA CYS A 392 12.98 -6.50 0.87
C CYS A 392 11.64 -7.23 0.91
N ASN A 393 10.58 -6.41 1.00
CA ASN A 393 9.21 -6.88 1.19
C ASN A 393 8.36 -6.57 -0.04
N MET A 394 7.42 -7.45 -0.35
CA MET A 394 6.41 -7.20 -1.38
C MET A 394 5.22 -8.15 -1.15
N VAL A 395 4.10 -7.84 -1.80
CA VAL A 395 2.94 -8.75 -1.94
C VAL A 395 2.88 -9.29 -3.38
N GLU A 396 2.24 -10.44 -3.57
CA GLU A 396 2.22 -11.14 -4.88
C GLU A 396 1.26 -10.50 -5.91
N ILE A 397 1.19 -9.17 -5.91
CA ILE A 397 0.45 -8.39 -6.92
C ILE A 397 1.37 -8.13 -8.12
N LEU A 398 0.90 -7.40 -9.13
CA LEU A 398 1.69 -7.18 -10.34
C LEU A 398 2.27 -8.53 -10.88
N ASP A 399 3.50 -8.53 -11.38
CA ASP A 399 4.19 -9.78 -11.80
C ASP A 399 5.25 -10.17 -10.77
N ASN A 400 5.00 -9.84 -9.50
CA ASN A 400 5.92 -10.18 -8.40
C ASN A 400 6.20 -11.70 -8.21
N ARG A 401 5.20 -12.54 -8.46
CA ARG A 401 5.44 -13.99 -8.45
C ARG A 401 6.54 -14.43 -9.41
N SER A 402 6.79 -13.64 -10.46
CA SER A 402 7.63 -14.08 -11.56
C SER A 402 9.12 -14.18 -11.24
N PHE A 403 9.55 -13.55 -10.14
CA PHE A 403 10.93 -13.54 -9.70
C PHE A 403 11.18 -14.04 -8.27
N VAL A 404 10.14 -14.52 -7.61
CA VAL A 404 10.22 -15.04 -6.22
C VAL A 404 11.29 -16.13 -6.00
N GLU A 405 11.13 -17.27 -6.68
CA GLU A 405 12.03 -18.42 -6.53
C GLU A 405 13.48 -18.07 -6.88
N GLN A 406 13.70 -17.50 -8.06
CA GLN A 406 15.07 -17.24 -8.47
C GLN A 406 15.78 -16.22 -7.61
N LEU A 407 15.04 -15.21 -7.12
CA LEU A 407 15.65 -14.13 -6.32
C LEU A 407 15.60 -14.42 -4.83
N LYS A 408 15.15 -15.62 -4.47
CA LYS A 408 15.18 -16.11 -3.08
C LYS A 408 14.26 -15.34 -2.11
N PHE A 409 13.13 -14.83 -2.61
CA PHE A 409 12.06 -14.38 -1.72
C PHE A 409 11.41 -15.61 -1.09
N GLY A 410 10.95 -15.50 0.15
CA GLY A 410 10.17 -16.55 0.77
C GLY A 410 8.85 -15.98 1.25
N ALA A 411 7.77 -16.74 1.14
CA ALA A 411 6.45 -16.35 1.68
C ALA A 411 6.47 -16.17 3.20
N GLY A 412 5.79 -15.14 3.72
CA GLY A 412 5.64 -14.91 5.20
C GLY A 412 4.27 -15.34 5.71
N ASP A 413 3.94 -15.09 6.99
CA ASP A 413 2.61 -15.47 7.50
C ASP A 413 1.56 -14.44 7.18
N GLY A 414 1.97 -13.29 6.67
CA GLY A 414 1.07 -12.18 6.46
C GLY A 414 0.40 -12.24 5.10
N HIS A 415 -0.81 -11.68 5.05
CA HIS A 415 -1.55 -11.48 3.80
C HIS A 415 -1.97 -10.04 3.69
N LEU A 416 -1.89 -9.47 2.49
CA LEU A 416 -2.54 -8.20 2.20
C LEU A 416 -3.88 -8.44 1.49
N ARG A 417 -4.95 -7.90 2.07
CA ARG A 417 -6.27 -7.99 1.50
C ARG A 417 -6.67 -6.62 0.95
N TYR A 418 -7.26 -6.64 -0.23
CA TYR A 418 -7.72 -5.46 -0.96
C TYR A 418 -9.25 -5.37 -0.86
N TYR A 419 -9.75 -4.18 -0.49
CA TYR A 419 -11.17 -3.95 -0.31
C TYR A 419 -11.62 -2.73 -1.08
N PHE A 420 -12.89 -2.76 -1.51
CA PHE A 420 -13.63 -1.56 -1.94
C PHE A 420 -14.70 -1.16 -0.93
N TYR A 421 -14.95 0.14 -0.86
CA TYR A 421 -16.10 0.67 -0.18
C TYR A 421 -17.14 1.13 -1.22
N ASN A 422 -18.36 0.62 -1.11
CA ASN A 422 -19.49 0.95 -2.02
C ASN A 422 -19.18 0.61 -3.47
N TRP A 423 -18.63 -0.58 -3.67
CA TRP A 423 -18.34 -1.08 -5.02
C TRP A 423 -18.41 -2.59 -5.03
N ALA A 424 -19.43 -3.13 -5.71
CA ALA A 424 -19.53 -4.54 -5.98
C ALA A 424 -18.43 -4.98 -6.97
N TYR A 425 -17.63 -5.99 -6.59
CA TYR A 425 -16.55 -6.43 -7.46
C TYR A 425 -16.34 -7.94 -7.42
N PRO A 426 -16.16 -8.60 -8.59
CA PRO A 426 -15.89 -10.07 -8.56
C PRO A 426 -14.59 -10.35 -7.82
N LYS A 427 -14.51 -11.49 -7.13
CA LYS A 427 -13.25 -11.99 -6.59
C LYS A 427 -12.24 -12.15 -7.73
N ILE A 428 -11.05 -11.59 -7.56
CA ILE A 428 -10.00 -11.75 -8.52
C ILE A 428 -8.72 -12.23 -7.84
N LYS A 429 -7.80 -12.72 -8.64
CA LYS A 429 -6.50 -13.16 -8.17
C LYS A 429 -5.60 -11.95 -7.84
N PRO A 430 -4.64 -12.11 -6.90
CA PRO A 430 -3.84 -10.91 -6.60
C PRO A 430 -2.95 -10.46 -7.78
N SER A 431 -2.67 -11.37 -8.72
CA SER A 431 -1.88 -11.03 -9.89
C SER A 431 -2.67 -10.25 -10.95
N GLN A 432 -3.95 -9.97 -10.69
CA GLN A 432 -4.72 -9.03 -11.50
C GLN A 432 -4.87 -7.62 -10.86
N VAL A 433 -4.13 -7.40 -9.78
CA VAL A 433 -4.11 -6.11 -9.05
C VAL A 433 -2.79 -5.36 -9.33
N ALA A 434 -2.89 -4.10 -9.80
CA ALA A 434 -1.72 -3.27 -10.10
C ALA A 434 -1.54 -2.06 -9.15
N LEU A 435 -2.37 -1.99 -8.09
CA LEU A 435 -2.33 -0.90 -7.11
C LEU A 435 -1.45 -1.24 -5.92
N VAL A 436 -0.40 -0.47 -5.75
CA VAL A 436 0.50 -0.58 -4.58
C VAL A 436 -0.03 0.37 -3.50
N MET A 437 -0.12 -0.11 -2.26
CA MET A 437 -0.54 0.75 -1.18
C MET A 437 0.62 1.00 -0.23
N LEU A 438 0.71 2.20 0.33
CA LEU A 438 1.90 2.60 1.11
C LEU A 438 1.83 2.14 2.55
#